data_6WMA
#
_entry.id   6WMA
#
_cell.length_a   59.940
_cell.length_b   41.870
_cell.length_c   191.541
_cell.angle_alpha   90.000
_cell.angle_beta   95.360
_cell.angle_gamma   90.000
#
_symmetry.space_group_name_H-M   'I 1 2 1'
#
loop_
_entity.id
_entity.type
_entity.pdbx_description
1 polymer 'APOLIPOPROTEIN B MRNA EDITING ENZYME, CATALYTIC PEPTIDE- LIKE 3G'
2 polymer "DNA (5'-D(P*CP*C)-3')"
3 non-polymer 'ZINC ION'
4 non-polymer 'CHLORIDE ION'
5 non-polymer GLYCEROL
6 water water
#
loop_
_entity_poly.entity_id
_entity_poly.type
_entity_poly.pdbx_seq_one_letter_code
_entity_poly.pdbx_strand_id
1 'polypeptide(L)'
;GPLGSMDPDTFSDNFNNRPIASRRNTVYLCYEVKTKGPSRDAKIFRGQAASEDKYHPEMRFLSLVSKWRDQEYEVTWYIS
WSPCTKCARDMATFLQENTHVTLTIFVARLYAAADPDYQEALRSLAQAGATIKIMNYDEFQHCWSKFVYSQGAPFQPWDG
LDEHSQALSGRLGEILRHSMDAATFTFNFNNEPWVRGRHETYLCYEVERMHNDTWVKLAQRRGFLANQAKHKHGFLEGRH
AALCFLDVIPFWKLDLDQDYRVTCFTSWSPCFSCAQEMAKFISKNKHVSLCIKTARIYDDKGRAAEGLRTLAEAGAKISI
MTYSEFKHCWDTFVDHQGAPFQPWDGLDEHSQDLSGRLRAILQNQEN
;
A
2 'polydeoxyribonucleotide' (DC)(DC) B
#
loop_
_chem_comp.id
_chem_comp.type
_chem_comp.name
_chem_comp.formula
CL non-polymer 'CHLORIDE ION' 'Cl -1'
DC DNA linking 2'-DEOXYCYTIDINE-5'-MONOPHOSPHATE 'C9 H14 N3 O7 P'
GOL non-polymer GLYCEROL 'C3 H8 O3'
ZN non-polymer 'ZINC ION' 'Zn 2'
#
# COMPACT_ATOMS: atom_id res chain seq x y z
N GLY A 1 23.18 12.89 -24.61
CA GLY A 1 22.90 14.31 -24.50
C GLY A 1 23.89 15.04 -23.60
N PRO A 2 23.52 16.23 -23.15
CA PRO A 2 24.42 17.00 -22.29
C PRO A 2 24.52 16.38 -20.90
N LEU A 3 25.59 16.75 -20.20
CA LEU A 3 25.75 16.33 -18.81
C LEU A 3 24.60 16.87 -17.96
N GLY A 4 24.11 16.04 -17.05
CA GLY A 4 23.07 16.48 -16.14
C GLY A 4 21.68 16.43 -16.72
N SER A 5 21.48 15.69 -17.81
CA SER A 5 20.18 15.51 -18.42
C SER A 5 19.92 14.03 -18.58
N MET A 6 18.68 13.67 -18.88
CA MET A 6 18.34 12.30 -19.22
C MET A 6 17.84 12.26 -20.65
N ASP A 7 18.16 11.18 -21.35
CA ASP A 7 17.72 10.98 -22.71
C ASP A 7 16.33 10.38 -22.73
N PRO A 8 15.65 10.33 -23.89
CA PRO A 8 14.35 9.67 -23.94
C PRO A 8 14.34 8.26 -23.36
N ASP A 9 15.39 7.48 -23.57
CA ASP A 9 15.38 6.09 -23.12
C ASP A 9 15.40 5.99 -21.60
N THR A 10 16.21 6.82 -20.95
CA THR A 10 16.24 6.83 -19.49
C THR A 10 14.90 7.27 -18.92
N PHE A 11 14.24 8.23 -19.58
CA PHE A 11 12.92 8.65 -19.12
C PHE A 11 11.91 7.52 -19.27
N SER A 12 11.91 6.85 -20.42
CA SER A 12 10.96 5.77 -20.66
C SER A 12 11.20 4.62 -19.69
N ASP A 13 12.46 4.39 -19.29
CA ASP A 13 12.76 3.35 -18.33
C ASP A 13 12.27 3.72 -16.93
N ASN A 14 12.63 4.92 -16.46
CA ASN A 14 12.41 5.28 -15.07
C ASN A 14 11.05 5.90 -14.81
N PHE A 15 10.63 6.84 -15.64
CA PHE A 15 9.38 7.58 -15.40
C PHE A 15 8.29 6.97 -16.27
N ASN A 16 7.67 5.92 -15.74
CA ASN A 16 6.65 5.13 -16.43
C ASN A 16 5.96 4.26 -15.39
N ASN A 17 4.63 4.16 -15.48
CA ASN A 17 3.86 3.42 -14.48
C ASN A 17 3.34 2.09 -14.99
N ARG A 18 3.82 1.59 -16.13
CA ARG A 18 3.43 0.27 -16.60
C ARG A 18 3.99 -0.80 -15.66
N PRO A 19 3.45 -2.04 -15.73
CA PRO A 19 4.05 -3.13 -14.94
C PRO A 19 5.46 -3.47 -15.38
N ILE A 20 6.42 -2.66 -14.95
CA ILE A 20 7.83 -2.91 -15.21
C ILE A 20 8.48 -3.63 -14.02
N ALA A 21 7.68 -4.31 -13.19
CA ALA A 21 8.13 -4.95 -11.96
C ALA A 21 8.92 -3.97 -11.10
N SER A 22 10.25 -4.08 -11.15
CA SER A 22 11.17 -3.17 -10.45
C SER A 22 12.60 -3.53 -10.83
N ARG A 23 13.14 -4.56 -10.17
CA ARG A 23 14.44 -5.14 -10.47
C ARG A 23 15.58 -4.14 -10.31
N ARG A 24 15.96 -3.47 -11.40
CA ARG A 24 17.01 -2.46 -11.32
C ARG A 24 16.60 -1.35 -10.36
N ASN A 25 17.15 -1.38 -9.15
CA ASN A 25 16.78 -0.42 -8.12
C ASN A 25 17.24 0.99 -8.46
N THR A 26 17.07 1.38 -9.73
CA THR A 26 17.36 2.73 -10.16
C THR A 26 16.26 3.66 -9.68
N VAL A 27 16.63 4.66 -8.89
CA VAL A 27 15.70 5.69 -8.45
C VAL A 27 16.20 7.01 -9.02
N TYR A 28 15.51 7.52 -10.03
CA TYR A 28 15.86 8.78 -10.67
C TYR A 28 15.06 9.90 -10.03
N LEU A 29 15.75 10.96 -9.59
CA LEU A 29 15.13 12.09 -8.92
C LEU A 29 15.36 13.34 -9.76
N CYS A 30 14.27 13.97 -10.20
CA CYS A 30 14.30 15.32 -10.73
C CYS A 30 13.80 16.25 -9.62
N TYR A 31 14.44 17.40 -9.46
CA TYR A 31 14.04 18.32 -8.41
C TYR A 31 14.00 19.74 -8.94
N GLU A 32 13.02 20.49 -8.45
CA GLU A 32 12.89 21.92 -8.66
C GLU A 32 12.93 22.60 -7.30
N VAL A 33 13.50 23.79 -7.24
CA VAL A 33 13.56 24.58 -6.02
C VAL A 33 13.22 26.01 -6.38
N LYS A 34 12.29 26.59 -5.62
CA LYS A 34 11.81 27.94 -5.87
C LYS A 34 11.86 28.72 -4.56
N THR A 35 12.15 30.00 -4.67
CA THR A 35 12.03 30.88 -3.52
C THR A 35 10.56 31.15 -3.23
N LYS A 36 10.14 30.85 -2.00
CA LYS A 36 8.76 31.06 -1.60
C LYS A 36 8.42 32.55 -1.62
N GLY A 37 7.28 32.89 -2.20
CA GLY A 37 6.87 34.26 -2.29
C GLY A 37 5.75 34.47 -3.29
N PRO A 38 5.36 35.73 -3.48
CA PRO A 38 4.31 36.05 -4.44
C PRO A 38 4.80 36.16 -5.88
N SER A 39 6.08 35.93 -6.14
CA SER A 39 6.57 36.04 -7.54
C SER A 39 5.96 34.98 -8.49
N ARG A 40 5.42 35.44 -9.60
CA ARG A 40 4.74 34.61 -10.63
C ARG A 40 5.71 34.37 -11.77
N ASP A 41 6.73 35.21 -11.87
CA ASP A 41 7.81 35.08 -12.82
C ASP A 41 9.10 34.58 -12.17
N ALA A 42 8.98 33.86 -11.04
CA ALA A 42 10.15 33.46 -10.30
C ALA A 42 10.98 32.45 -11.08
N LYS A 43 12.27 32.43 -10.78
CA LYS A 43 13.19 31.49 -11.41
C LYS A 43 13.12 30.15 -10.70
N ILE A 44 12.85 29.09 -11.45
CA ILE A 44 12.88 27.72 -10.94
C ILE A 44 14.29 27.17 -11.13
N PHE A 45 14.88 26.66 -10.05
CA PHE A 45 16.21 26.06 -10.10
C PHE A 45 16.06 24.55 -10.14
N ARG A 46 16.51 23.94 -11.25
CA ARG A 46 16.26 22.53 -11.49
C ARG A 46 17.56 21.73 -11.49
N GLY A 47 17.45 20.48 -11.03
CA GLY A 47 18.53 19.52 -11.11
C GLY A 47 17.97 18.11 -11.18
N GLN A 48 18.85 17.15 -11.39
CA GLN A 48 18.40 15.78 -11.58
C GLN A 48 19.57 14.83 -11.47
N ALA A 49 19.29 13.64 -10.96
CA ALA A 49 20.34 12.64 -10.81
C ALA A 49 19.71 11.29 -10.52
N ALA A 50 20.40 10.23 -10.93
CA ALA A 50 20.03 8.88 -10.55
C ALA A 50 20.66 8.53 -9.21
N SER A 51 19.95 7.72 -8.43
CA SER A 51 20.42 7.39 -7.09
C SER A 51 21.68 6.55 -7.16
N GLU A 52 22.73 7.01 -6.48
CA GLU A 52 24.01 6.33 -6.45
C GLU A 52 24.53 6.38 -5.01
N ASP A 53 24.77 5.21 -4.42
CA ASP A 53 25.03 5.12 -2.99
C ASP A 53 26.43 5.55 -2.58
N LYS A 54 27.31 5.92 -3.54
CA LYS A 54 28.64 6.38 -3.17
C LYS A 54 28.63 7.87 -2.84
N TYR A 55 28.28 8.71 -3.80
CA TYR A 55 28.32 10.16 -3.62
C TYR A 55 26.95 10.80 -3.50
N HIS A 56 25.88 10.07 -3.86
CA HIS A 56 24.49 10.53 -3.76
C HIS A 56 24.28 11.86 -4.46
N PRO A 57 24.39 11.91 -5.80
CA PRO A 57 24.18 13.18 -6.51
C PRO A 57 22.74 13.65 -6.50
N GLU A 58 21.79 12.83 -6.07
CA GLU A 58 20.38 13.20 -6.05
C GLU A 58 20.04 14.14 -4.89
N MET A 59 20.88 14.19 -3.86
CA MET A 59 20.61 15.00 -2.68
C MET A 59 21.30 16.36 -2.71
N ARG A 60 22.03 16.66 -3.79
CA ARG A 60 22.72 17.95 -3.90
CA ARG A 60 22.72 17.94 -3.89
C ARG A 60 21.80 19.13 -3.79
N PHE A 61 20.48 18.94 -3.92
CA PHE A 61 19.55 20.04 -3.78
C PHE A 61 19.49 20.58 -2.36
N LEU A 62 19.91 19.79 -1.36
CA LEU A 62 19.83 20.23 0.03
C LEU A 62 20.64 21.51 0.25
N SER A 63 21.83 21.58 -0.36
CA SER A 63 22.65 22.79 -0.25
C SER A 63 21.89 24.02 -0.71
N LEU A 64 20.97 23.85 -1.65
CA LEU A 64 20.23 24.99 -2.20
C LEU A 64 19.22 25.57 -1.21
N VAL A 65 18.84 24.83 -0.17
CA VAL A 65 17.75 25.28 0.68
C VAL A 65 18.21 25.59 2.10
N SER A 66 19.52 25.79 2.29
CA SER A 66 20.04 26.19 3.59
C SER A 66 19.43 27.53 4.04
N LYS A 67 19.49 27.77 5.35
CA LYS A 67 18.98 29.03 5.89
C LYS A 67 19.77 30.21 5.34
N TRP A 68 19.05 31.18 4.79
CA TRP A 68 19.70 32.37 4.22
C TRP A 68 18.75 33.53 4.43
N ARG A 69 19.09 34.40 5.38
CA ARG A 69 18.24 35.53 5.74
C ARG A 69 16.81 35.07 6.00
N ASP A 70 15.82 35.83 5.54
CA ASP A 70 14.42 35.50 5.76
C ASP A 70 13.86 34.55 4.71
N GLN A 71 14.72 33.90 3.93
CA GLN A 71 14.25 33.16 2.76
C GLN A 71 13.63 31.82 3.14
N GLU A 72 12.61 31.45 2.38
CA GLU A 72 11.96 30.16 2.50
C GLU A 72 11.93 29.52 1.12
N TYR A 73 11.87 28.19 1.09
CA TYR A 73 12.05 27.45 -0.16
C TYR A 73 10.96 26.41 -0.34
N GLU A 74 10.50 26.28 -1.58
CA GLU A 74 9.54 25.26 -1.99
C GLU A 74 10.26 24.30 -2.92
N VAL A 75 10.38 23.05 -2.52
CA VAL A 75 11.04 22.00 -3.29
C VAL A 75 9.99 21.09 -3.88
N THR A 76 10.22 20.64 -5.11
CA THR A 76 9.37 19.68 -5.79
C THR A 76 10.24 18.54 -6.30
N TRP A 77 9.81 17.30 -6.04
CA TRP A 77 10.46 16.09 -6.53
C TRP A 77 9.57 15.45 -7.57
N TYR A 78 10.20 14.94 -8.63
CA TYR A 78 9.60 13.97 -9.54
C TYR A 78 10.50 12.75 -9.44
N ILE A 79 10.05 11.74 -8.70
CA ILE A 79 10.89 10.61 -8.36
C ILE A 79 10.29 9.36 -8.98
N SER A 80 11.15 8.50 -9.54
CA SER A 80 10.67 7.37 -10.33
C SER A 80 10.04 6.30 -9.45
N TRP A 81 10.56 6.10 -8.25
CA TRP A 81 9.99 5.18 -7.27
C TRP A 81 9.71 5.93 -5.99
N SER A 82 8.73 5.44 -5.24
CA SER A 82 8.46 6.03 -3.94
C SER A 82 9.73 6.03 -3.09
N PRO A 83 9.92 7.03 -2.25
CA PRO A 83 11.14 7.06 -1.43
C PRO A 83 11.18 5.89 -0.46
N CYS A 84 12.36 5.31 -0.30
CA CYS A 84 12.51 4.16 0.56
C CYS A 84 12.24 4.55 2.01
N THR A 85 12.14 3.54 2.88
CA THR A 85 11.77 3.79 4.27
C THR A 85 12.74 4.77 4.92
N LYS A 86 14.05 4.54 4.74
CA LYS A 86 15.03 5.35 5.45
C LYS A 86 15.06 6.77 4.92
N CYS A 87 14.97 6.96 3.60
CA CYS A 87 14.93 8.31 3.01
C CYS A 87 13.68 9.04 3.43
N ALA A 88 12.55 8.33 3.54
CA ALA A 88 11.32 8.95 4.02
C ALA A 88 11.47 9.41 5.46
N ARG A 89 12.08 8.56 6.30
CA ARG A 89 12.35 8.96 7.68
CA ARG A 89 12.36 8.95 7.69
C ARG A 89 13.27 10.17 7.74
N ASP A 90 14.35 10.17 6.95
CA ASP A 90 15.32 11.26 6.95
C ASP A 90 14.69 12.56 6.46
N MET A 91 13.86 12.50 5.42
CA MET A 91 13.21 13.71 4.93
C MET A 91 12.16 14.21 5.92
N ALA A 92 11.48 13.30 6.62
CA ALA A 92 10.60 13.74 7.71
C ALA A 92 11.38 14.50 8.76
N THR A 93 12.49 13.92 9.22
CA THR A 93 13.35 14.60 10.19
C THR A 93 13.80 15.95 9.67
N PHE A 94 14.20 16.01 8.39
CA PHE A 94 14.68 17.26 7.81
C PHE A 94 13.58 18.31 7.79
N LEU A 95 12.39 17.93 7.33
CA LEU A 95 11.28 18.88 7.31
C LEU A 95 10.95 19.36 8.73
N GLN A 96 11.07 18.48 9.72
CA GLN A 96 10.87 18.90 11.11
C GLN A 96 11.90 19.93 11.53
N GLU A 97 13.17 19.71 11.17
CA GLU A 97 14.24 20.58 11.59
C GLU A 97 14.43 21.80 10.70
N ASN A 98 13.77 21.85 9.54
CA ASN A 98 13.96 22.94 8.58
C ASN A 98 12.60 23.49 8.15
N THR A 99 11.91 24.12 9.10
CA THR A 99 10.56 24.61 8.83
C THR A 99 10.51 25.70 7.77
N HIS A 100 11.67 26.22 7.35
CA HIS A 100 11.74 27.17 6.24
C HIS A 100 11.67 26.49 4.88
N VAL A 101 11.65 25.16 4.84
CA VAL A 101 11.58 24.39 3.61
C VAL A 101 10.27 23.61 3.61
N THR A 102 9.54 23.66 2.49
CA THR A 102 8.40 22.77 2.28
C THR A 102 8.61 21.97 0.99
N LEU A 103 7.95 20.80 0.92
CA LEU A 103 8.31 19.79 -0.06
C LEU A 103 7.06 19.13 -0.64
N THR A 104 7.02 19.05 -1.97
CA THR A 104 6.03 18.26 -2.70
C THR A 104 6.75 17.15 -3.43
N ILE A 105 6.17 15.94 -3.43
CA ILE A 105 6.79 14.78 -4.06
C ILE A 105 5.79 14.13 -4.99
N PHE A 106 6.10 14.09 -6.28
CA PHE A 106 5.33 13.35 -7.28
C PHE A 106 6.04 12.05 -7.58
N VAL A 107 5.29 10.95 -7.59
CA VAL A 107 5.83 9.61 -7.64
C VAL A 107 5.30 8.89 -8.88
N ALA A 108 6.17 8.18 -9.57
CA ALA A 108 5.77 7.42 -10.74
C ALA A 108 5.26 6.03 -10.38
N ARG A 109 5.96 5.34 -9.47
CA ARG A 109 5.54 4.03 -9.03
C ARG A 109 5.68 3.92 -7.52
N LEU A 110 4.84 3.07 -6.93
CA LEU A 110 4.96 2.69 -5.53
C LEU A 110 5.59 1.30 -5.44
N TYR A 111 6.40 1.10 -4.41
CA TYR A 111 6.93 -0.24 -4.15
C TYR A 111 5.78 -1.16 -3.75
N ALA A 112 5.69 -2.32 -4.43
CA ALA A 112 4.59 -3.24 -4.20
C ALA A 112 4.55 -3.72 -2.75
N ALA A 113 5.71 -3.88 -2.11
CA ALA A 113 5.76 -4.40 -0.75
C ALA A 113 5.63 -3.24 0.25
N ALA A 114 4.41 -2.72 0.32
CA ALA A 114 4.07 -1.63 1.24
C ALA A 114 3.90 -2.21 2.65
N ASP A 115 5.01 -2.66 3.21
CA ASP A 115 5.03 -3.33 4.50
C ASP A 115 4.89 -2.31 5.63
N PRO A 116 4.66 -2.76 6.87
CA PRO A 116 4.26 -1.80 7.93
C PRO A 116 5.26 -0.68 8.18
N ASP A 117 6.55 -1.00 8.30
CA ASP A 117 7.53 0.05 8.61
C ASP A 117 7.58 1.10 7.51
N TYR A 118 7.50 0.67 6.25
CA TYR A 118 7.50 1.62 5.15
C TYR A 118 6.26 2.51 5.17
N GLN A 119 5.09 1.92 5.47
CA GLN A 119 3.86 2.71 5.52
C GLN A 119 3.91 3.74 6.64
N GLU A 120 4.41 3.34 7.81
CA GLU A 120 4.56 4.30 8.90
C GLU A 120 5.58 5.39 8.54
N ALA A 121 6.64 5.04 7.83
CA ALA A 121 7.59 6.08 7.42
C ALA A 121 6.94 7.06 6.44
N LEU A 122 6.11 6.56 5.52
CA LEU A 122 5.44 7.44 4.58
C LEU A 122 4.43 8.35 5.29
N ARG A 123 3.65 7.79 6.22
CA ARG A 123 2.74 8.62 7.00
C ARG A 123 3.50 9.61 7.86
N SER A 124 4.68 9.23 8.35
CA SER A 124 5.53 10.16 9.09
C SER A 124 5.92 11.34 8.20
N LEU A 125 6.43 11.05 7.00
CA LEU A 125 6.80 12.11 6.07
C LEU A 125 5.62 13.01 5.75
N ALA A 126 4.43 12.43 5.58
CA ALA A 126 3.24 13.24 5.33
C ALA A 126 2.94 14.15 6.52
N GLN A 127 3.00 13.61 7.73
CA GLN A 127 2.68 14.41 8.91
C GLN A 127 3.71 15.52 9.11
N ALA A 128 4.94 15.32 8.63
CA ALA A 128 5.93 16.38 8.70
C ALA A 128 5.60 17.55 7.80
N GLY A 129 4.60 17.42 6.92
CA GLY A 129 4.21 18.48 6.02
C GLY A 129 4.40 18.18 4.55
N ALA A 130 5.06 17.09 4.18
CA ALA A 130 5.28 16.78 2.77
C ALA A 130 3.96 16.51 2.07
N THR A 131 3.92 16.85 0.78
CA THR A 131 2.78 16.58 -0.09
C THR A 131 3.20 15.50 -1.08
N ILE A 132 2.58 14.32 -0.98
CA ILE A 132 2.92 13.18 -1.81
C ILE A 132 1.75 12.88 -2.73
N LYS A 133 2.04 12.81 -4.03
CA LYS A 133 1.03 12.53 -5.04
C LYS A 133 1.62 11.61 -6.10
N ILE A 134 0.72 10.96 -6.84
CA ILE A 134 1.08 10.10 -7.95
C ILE A 134 1.13 10.93 -9.22
N MET A 135 2.18 10.71 -10.03
CA MET A 135 2.31 11.41 -11.30
C MET A 135 1.24 10.93 -12.27
N ASN A 136 0.54 11.89 -12.89
CA ASN A 136 -0.38 11.62 -13.98
C ASN A 136 0.17 12.30 -15.24
N TYR A 137 -0.69 12.47 -16.25
CA TYR A 137 -0.25 13.00 -17.54
C TYR A 137 0.48 14.33 -17.39
N ASP A 138 -0.08 15.27 -16.62
CA ASP A 138 0.53 16.60 -16.50
C ASP A 138 1.94 16.51 -15.93
N GLU A 139 2.13 15.67 -14.90
CA GLU A 139 3.44 15.58 -14.28
C GLU A 139 4.45 14.91 -15.21
N PHE A 140 4.05 13.82 -15.88
CA PHE A 140 4.94 13.18 -16.84
C PHE A 140 5.32 14.15 -17.96
N GLN A 141 4.35 14.88 -18.49
CA GLN A 141 4.61 15.83 -19.57
C GLN A 141 5.54 16.95 -19.10
N HIS A 142 5.32 17.47 -17.89
CA HIS A 142 6.20 18.50 -17.34
C HIS A 142 7.62 17.96 -17.16
N CYS A 143 7.75 16.75 -16.61
CA CYS A 143 9.08 16.18 -16.39
CA CYS A 143 9.07 16.18 -16.39
C CYS A 143 9.80 15.94 -17.71
N TRP A 144 9.07 15.51 -18.74
CA TRP A 144 9.67 15.37 -20.06
C TRP A 144 10.09 16.72 -20.61
N SER A 145 9.22 17.72 -20.49
CA SER A 145 9.53 19.04 -21.03
C SER A 145 10.72 19.68 -20.33
N LYS A 146 10.95 19.34 -19.06
CA LYS A 146 11.92 20.07 -18.25
C LYS A 146 13.22 19.32 -17.98
N PHE A 147 13.23 17.99 -17.96
CA PHE A 147 14.39 17.23 -17.53
C PHE A 147 14.90 16.26 -18.60
N VAL A 148 14.36 16.31 -19.81
CA VAL A 148 14.76 15.42 -20.90
C VAL A 148 15.27 16.27 -22.05
N TYR A 149 16.41 15.87 -22.60
CA TYR A 149 16.96 16.47 -23.82
C TYR A 149 16.33 15.75 -25.00
N SER A 150 15.24 16.31 -25.52
CA SER A 150 14.39 15.61 -26.48
C SER A 150 14.63 15.99 -27.94
N GLN A 151 15.33 17.10 -28.21
CA GLN A 151 15.66 17.51 -29.58
C GLN A 151 14.40 17.74 -30.41
N GLY A 152 13.41 18.42 -29.83
CA GLY A 152 12.19 18.74 -30.54
C GLY A 152 11.14 17.66 -30.53
N ALA A 153 11.28 16.61 -29.72
CA ALA A 153 10.28 15.54 -29.72
C ALA A 153 9.24 15.81 -28.64
N PRO A 154 7.96 15.76 -28.97
CA PRO A 154 6.92 15.98 -27.96
C PRO A 154 6.72 14.73 -27.11
N PHE A 155 6.23 14.98 -25.88
CA PHE A 155 5.97 13.87 -24.95
C PHE A 155 4.92 12.94 -25.53
N GLN A 156 5.22 11.64 -25.50
CA GLN A 156 4.33 10.62 -26.03
C GLN A 156 3.82 9.75 -24.91
N PRO A 157 2.55 9.87 -24.51
CA PRO A 157 2.03 9.02 -23.44
C PRO A 157 1.79 7.58 -23.90
N TRP A 158 1.97 6.66 -22.96
CA TRP A 158 1.69 5.26 -23.23
C TRP A 158 0.20 4.97 -23.01
N ASP A 159 -0.23 3.77 -23.40
CA ASP A 159 -1.66 3.48 -23.53
C ASP A 159 -2.37 3.51 -22.18
N GLY A 160 -1.92 2.70 -21.23
CA GLY A 160 -2.62 2.61 -19.96
C GLY A 160 -2.09 3.55 -18.90
N LEU A 161 -1.76 4.78 -19.30
CA LEU A 161 -1.14 5.72 -18.37
C LEU A 161 -2.10 6.13 -17.26
N ASP A 162 -3.30 6.59 -17.65
CA ASP A 162 -4.21 7.16 -16.68
C ASP A 162 -4.77 6.09 -15.74
N GLU A 163 -5.04 4.89 -16.27
CA GLU A 163 -5.55 3.82 -15.42
C GLU A 163 -4.54 3.42 -14.36
N HIS A 164 -3.27 3.28 -14.77
CA HIS A 164 -2.22 2.99 -13.79
C HIS A 164 -2.06 4.11 -12.79
N SER A 165 -2.15 5.36 -13.25
CA SER A 165 -2.06 6.50 -12.33
C SER A 165 -3.19 6.47 -11.31
N GLN A 166 -4.41 6.11 -11.75
CA GLN A 166 -5.54 6.06 -10.84
C GLN A 166 -5.38 4.92 -9.83
N ALA A 167 -4.95 3.75 -10.29
CA ALA A 167 -4.73 2.63 -9.38
C ALA A 167 -3.67 2.96 -8.34
N LEU A 168 -2.56 3.57 -8.77
CA LEU A 168 -1.53 3.97 -7.82
C LEU A 168 -2.04 5.03 -6.86
N SER A 169 -2.88 5.96 -7.35
CA SER A 169 -3.47 6.96 -6.46
C SER A 169 -4.31 6.30 -5.38
N GLY A 170 -5.12 5.31 -5.76
CA GLY A 170 -5.92 4.60 -4.77
C GLY A 170 -5.08 3.88 -3.74
N ARG A 171 -4.01 3.21 -4.19
CA ARG A 171 -3.10 2.56 -3.24
C ARG A 171 -2.44 3.58 -2.32
N LEU A 172 -1.95 4.70 -2.88
CA LEU A 172 -1.29 5.71 -2.06
C LEU A 172 -2.24 6.30 -1.03
N GLY A 173 -3.50 6.48 -1.42
CA GLY A 173 -4.50 6.93 -0.45
C GLY A 173 -4.73 5.91 0.64
N GLU A 174 -4.80 4.63 0.27
CA GLU A 174 -4.92 3.57 1.28
C GLU A 174 -3.77 3.65 2.28
N ILE A 175 -2.57 3.94 1.79
CA ILE A 175 -1.40 4.02 2.66
C ILE A 175 -1.47 5.26 3.56
N LEU A 176 -1.71 6.43 2.96
CA LEU A 176 -1.61 7.67 3.73
C LEU A 176 -2.79 7.85 4.67
N ARG A 177 -4.00 7.48 4.24
CA ARG A 177 -5.16 7.58 5.11
C ARG A 177 -5.17 6.50 6.19
N HIS A 178 -4.36 5.46 6.05
CA HIS A 178 -4.45 4.27 6.90
C HIS A 178 -5.85 3.69 6.92
N SER A 179 -6.56 3.81 5.80
CA SER A 179 -7.92 3.31 5.68
C SER A 179 -8.24 3.15 4.20
N MET A 180 -9.18 2.24 3.91
CA MET A 180 -9.54 1.97 2.53
C MET A 180 -10.79 2.73 2.14
N ASP A 181 -10.99 2.87 0.83
CA ASP A 181 -12.10 3.66 0.30
C ASP A 181 -13.43 2.96 0.57
N ALA A 182 -14.47 3.77 0.85
CA ALA A 182 -15.77 3.23 1.20
C ALA A 182 -16.39 2.45 0.04
N ALA A 183 -16.31 2.98 -1.18
CA ALA A 183 -16.78 2.25 -2.34
C ALA A 183 -16.00 0.95 -2.51
N THR A 184 -14.68 0.98 -2.28
CA THR A 184 -13.85 -0.21 -2.38
C THR A 184 -14.28 -1.27 -1.39
N PHE A 185 -14.48 -0.89 -0.13
CA PHE A 185 -14.94 -1.85 0.87
C PHE A 185 -16.30 -2.40 0.50
N THR A 186 -17.28 -1.52 0.32
CA THR A 186 -18.66 -1.89 0.02
C THR A 186 -18.68 -2.90 -1.12
N PHE A 187 -17.77 -2.71 -2.09
CA PHE A 187 -17.76 -3.63 -3.22
C PHE A 187 -17.06 -4.95 -2.90
N ASN A 188 -15.85 -4.90 -2.35
CA ASN A 188 -15.08 -6.14 -2.23
C ASN A 188 -15.64 -7.08 -1.18
N PHE A 189 -16.36 -6.57 -0.19
CA PHE A 189 -16.88 -7.42 0.88
C PHE A 189 -18.35 -7.78 0.70
N ASN A 190 -18.94 -7.48 -0.46
CA ASN A 190 -20.28 -7.96 -0.77
C ASN A 190 -20.31 -9.48 -0.65
N ASN A 191 -21.22 -10.00 0.18
CA ASN A 191 -21.19 -11.41 0.55
C ASN A 191 -22.16 -12.26 -0.27
N GLU A 192 -22.51 -11.82 -1.47
CA GLU A 192 -23.20 -12.70 -2.39
C GLU A 192 -22.30 -13.90 -2.69
N PRO A 193 -22.82 -15.13 -2.62
CA PRO A 193 -21.93 -16.30 -2.81
C PRO A 193 -21.19 -16.29 -4.14
N TRP A 194 -21.89 -16.07 -5.24
CA TRP A 194 -21.29 -16.02 -6.58
C TRP A 194 -21.32 -14.59 -7.08
N VAL A 195 -20.16 -14.07 -7.51
CA VAL A 195 -19.98 -12.67 -7.86
C VAL A 195 -19.09 -12.54 -9.09
N ARG A 196 -19.21 -11.39 -9.76
CA ARG A 196 -18.36 -11.05 -10.89
C ARG A 196 -17.47 -9.87 -10.53
N GLY A 197 -16.29 -9.84 -11.15
CA GLY A 197 -15.44 -8.68 -11.07
C GLY A 197 -14.71 -8.48 -9.76
N ARG A 198 -14.73 -9.46 -8.86
CA ARG A 198 -13.97 -9.34 -7.62
C ARG A 198 -12.57 -9.92 -7.81
N HIS A 199 -11.80 -9.22 -8.66
CA HIS A 199 -10.49 -9.71 -9.06
C HIS A 199 -9.47 -9.55 -7.95
N GLU A 200 -9.70 -8.65 -7.00
CA GLU A 200 -8.79 -8.43 -5.90
C GLU A 200 -9.27 -9.16 -4.66
N THR A 201 -8.41 -9.19 -3.65
CA THR A 201 -8.77 -9.72 -2.33
C THR A 201 -8.25 -8.76 -1.29
N TYR A 202 -9.15 -8.30 -0.42
CA TYR A 202 -8.80 -7.42 0.68
C TYR A 202 -8.79 -8.20 1.99
N LEU A 203 -7.80 -7.91 2.83
CA LEU A 203 -7.60 -8.61 4.09
C LEU A 203 -7.36 -7.56 5.18
N CYS A 204 -8.32 -7.41 6.08
CA CYS A 204 -8.12 -6.66 7.31
C CYS A 204 -7.63 -7.60 8.40
N TYR A 205 -6.87 -7.05 9.35
CA TYR A 205 -6.29 -7.89 10.39
C TYR A 205 -6.17 -7.10 11.68
N GLU A 206 -6.43 -7.81 12.78
CA GLU A 206 -6.25 -7.30 14.13
C GLU A 206 -5.48 -8.33 14.95
N VAL A 207 -4.84 -7.85 16.03
CA VAL A 207 -4.02 -8.67 16.90
C VAL A 207 -4.36 -8.37 18.34
N GLU A 208 -4.47 -9.42 19.16
CA GLU A 208 -4.73 -9.29 20.58
C GLU A 208 -3.72 -10.12 21.36
N ARG A 209 -3.43 -9.67 22.57
CA ARG A 209 -2.54 -10.35 23.49
C ARG A 209 -3.33 -10.79 24.72
N MET A 210 -2.99 -11.95 25.26
CA MET A 210 -3.67 -12.48 26.43
C MET A 210 -3.00 -11.93 27.68
N HIS A 211 -3.68 -11.00 28.36
CA HIS A 211 -3.23 -10.43 29.62
C HIS A 211 -4.31 -10.67 30.67
N ASN A 212 -3.91 -11.21 31.82
CA ASN A 212 -4.82 -11.68 32.86
C ASN A 212 -5.73 -12.72 32.21
N ASP A 213 -7.04 -12.55 32.21
CA ASP A 213 -7.96 -13.42 31.50
C ASP A 213 -8.65 -12.69 30.35
N THR A 214 -7.93 -11.75 29.72
CA THR A 214 -8.50 -10.82 28.76
C THR A 214 -7.66 -10.77 27.50
N TRP A 215 -8.34 -10.78 26.35
CA TRP A 215 -7.72 -10.50 25.05
C TRP A 215 -7.69 -8.98 24.87
N VAL A 216 -6.53 -8.36 25.07
CA VAL A 216 -6.39 -6.92 24.91
C VAL A 216 -5.92 -6.65 23.48
N LYS A 217 -6.55 -5.67 22.82
CA LYS A 217 -6.24 -5.37 21.43
C LYS A 217 -4.97 -4.53 21.34
N LEU A 218 -4.14 -4.86 20.36
CA LEU A 218 -2.92 -4.10 20.07
C LEU A 218 -3.23 -3.15 18.91
N ALA A 219 -3.93 -2.07 19.23
CA ALA A 219 -4.37 -1.11 18.20
C ALA A 219 -3.21 -0.56 17.39
N GLN A 220 -1.98 -0.59 17.92
CA GLN A 220 -0.81 -0.21 17.15
C GLN A 220 -0.53 -1.14 15.98
N ARG A 221 -1.16 -2.33 15.97
CA ARG A 221 -0.80 -3.37 15.02
C ARG A 221 -1.89 -3.69 14.01
N ARG A 222 -3.10 -3.14 14.17
CA ARG A 222 -4.16 -3.43 13.23
C ARG A 222 -3.81 -2.87 11.85
N GLY A 223 -4.48 -3.38 10.84
CA GLY A 223 -4.21 -2.88 9.50
C GLY A 223 -4.98 -3.64 8.43
N PHE A 224 -4.63 -3.36 7.18
CA PHE A 224 -5.29 -4.02 6.06
C PHE A 224 -4.34 -3.99 4.87
N LEU A 225 -4.56 -4.92 3.95
CA LEU A 225 -3.77 -5.01 2.73
C LEU A 225 -4.63 -5.64 1.64
N ALA A 226 -4.09 -5.66 0.42
CA ALA A 226 -4.75 -6.30 -0.70
C ALA A 226 -3.75 -7.19 -1.41
N ASN A 227 -4.26 -8.00 -2.33
CA ASN A 227 -3.38 -8.87 -3.10
C ASN A 227 -2.48 -8.04 -4.02
N GLN A 228 -1.49 -8.73 -4.60
CA GLN A 228 -0.66 -8.19 -5.66
C GLN A 228 -0.94 -8.97 -6.93
N ALA A 229 -1.16 -8.26 -8.04
CA ALA A 229 -1.53 -8.90 -9.29
C ALA A 229 -0.62 -8.50 -10.46
N LYS A 230 -1.20 -8.45 -11.67
CA LYS A 230 -0.48 -8.20 -12.93
C LYS A 230 0.48 -9.34 -13.26
N HIS A 231 1.01 -9.34 -14.48
CA HIS A 231 1.89 -10.41 -14.92
C HIS A 231 3.23 -9.89 -15.46
N LEU A 236 7.63 -9.88 -12.16
CA LEU A 236 6.32 -9.47 -11.66
C LEU A 236 5.43 -10.68 -11.42
N GLU A 237 5.43 -11.18 -10.19
CA GLU A 237 4.63 -12.33 -9.80
C GLU A 237 3.50 -11.90 -8.87
N GLY A 238 2.30 -12.42 -9.13
CA GLY A 238 1.15 -12.10 -8.30
C GLY A 238 1.13 -12.87 -7.00
N ARG A 239 1.18 -12.16 -5.87
CA ARG A 239 1.17 -12.77 -4.55
C ARG A 239 -0.17 -12.52 -3.88
N HIS A 240 -0.82 -13.61 -3.45
CA HIS A 240 -2.14 -13.50 -2.84
C HIS A 240 -2.07 -12.75 -1.51
N ALA A 241 -3.23 -12.24 -1.08
CA ALA A 241 -3.29 -11.41 0.12
C ALA A 241 -2.97 -12.20 1.39
N ALA A 242 -3.31 -13.49 1.43
CA ALA A 242 -2.99 -14.31 2.58
C ALA A 242 -1.48 -14.44 2.75
N LEU A 243 -0.77 -14.66 1.64
CA LEU A 243 0.69 -14.73 1.71
C LEU A 243 1.29 -13.38 2.12
N CYS A 244 0.73 -12.28 1.60
CA CYS A 244 1.22 -10.96 2.00
C CYS A 244 1.03 -10.73 3.49
N PHE A 245 -0.11 -11.16 4.04
CA PHE A 245 -0.34 -11.03 5.47
C PHE A 245 0.67 -11.88 6.26
N LEU A 246 0.92 -13.11 5.81
CA LEU A 246 1.96 -13.92 6.43
C LEU A 246 3.31 -13.20 6.39
N ASP A 247 3.59 -12.45 5.32
CA ASP A 247 4.81 -11.66 5.25
C ASP A 247 4.79 -10.52 6.26
N VAL A 248 3.62 -9.93 6.49
CA VAL A 248 3.50 -8.85 7.46
C VAL A 248 3.80 -9.36 8.86
N ILE A 249 3.37 -10.59 9.17
CA ILE A 249 3.42 -11.09 10.55
C ILE A 249 4.80 -10.90 11.23
N PRO A 250 5.91 -11.36 10.61
CA PRO A 250 7.20 -11.25 11.32
C PRO A 250 7.63 -9.84 11.68
N PHE A 251 7.11 -8.81 10.99
CA PHE A 251 7.44 -7.44 11.35
C PHE A 251 6.92 -7.06 12.73
N TRP A 252 6.01 -7.85 13.30
CA TRP A 252 5.41 -7.51 14.58
C TRP A 252 6.32 -7.83 15.76
N LYS A 253 7.31 -8.70 15.57
CA LYS A 253 8.25 -9.08 16.63
C LYS A 253 7.50 -9.59 17.86
N LEU A 254 6.63 -10.57 17.64
CA LEU A 254 5.82 -11.11 18.71
C LEU A 254 6.68 -11.87 19.71
N ASP A 255 6.25 -11.87 20.97
CA ASP A 255 6.94 -12.58 22.04
C ASP A 255 6.55 -14.05 22.01
N LEU A 256 7.52 -14.93 21.70
CA LEU A 256 7.24 -16.35 21.58
C LEU A 256 6.79 -16.98 22.89
N ASP A 257 6.89 -16.28 24.01
CA ASP A 257 6.41 -16.79 25.29
C ASP A 257 5.08 -16.18 25.72
N GLN A 258 4.50 -15.31 24.90
CA GLN A 258 3.18 -14.76 25.12
C GLN A 258 2.16 -15.44 24.20
N ASP A 259 0.88 -15.20 24.49
CA ASP A 259 -0.23 -15.78 23.72
C ASP A 259 -0.94 -14.69 22.95
N TYR A 260 -1.10 -14.90 21.65
CA TYR A 260 -1.70 -13.91 20.76
C TYR A 260 -2.85 -14.52 19.98
N ARG A 261 -3.86 -13.70 19.69
CA ARG A 261 -4.96 -14.05 18.80
C ARG A 261 -4.94 -13.12 17.61
N VAL A 262 -4.92 -13.69 16.40
CA VAL A 262 -4.75 -12.95 15.17
C VAL A 262 -5.98 -13.16 14.30
N THR A 263 -6.72 -12.09 14.03
CA THR A 263 -7.98 -12.16 13.31
C THR A 263 -7.83 -11.57 11.92
N CYS A 264 -8.35 -12.30 10.92
CA CYS A 264 -8.26 -11.94 9.51
C CYS A 264 -9.67 -11.83 8.94
N PHE A 265 -10.05 -10.63 8.51
CA PHE A 265 -11.29 -10.42 7.77
C PHE A 265 -10.96 -10.38 6.29
N THR A 266 -11.36 -11.41 5.55
CA THR A 266 -11.02 -11.52 4.15
C THR A 266 -12.27 -11.45 3.29
N SER A 267 -12.12 -10.84 2.11
CA SER A 267 -13.22 -10.78 1.17
C SER A 267 -13.40 -12.12 0.45
N TRP A 268 -12.30 -12.71 -0.02
CA TRP A 268 -12.27 -14.08 -0.50
C TRP A 268 -11.63 -14.95 0.57
N SER A 269 -12.28 -16.05 0.93
CA SER A 269 -11.63 -17.03 1.79
C SER A 269 -10.41 -17.61 1.06
N PRO A 270 -9.42 -18.10 1.81
CA PRO A 270 -8.14 -18.48 1.18
C PRO A 270 -8.29 -19.62 0.17
N CYS A 271 -7.50 -19.54 -0.91
CA CYS A 271 -7.40 -20.65 -1.83
C CYS A 271 -6.71 -21.84 -1.16
N PHE A 272 -6.62 -22.94 -1.91
CA PHE A 272 -6.01 -24.16 -1.36
C PHE A 272 -4.55 -23.93 -0.98
N SER A 273 -3.78 -23.30 -1.88
CA SER A 273 -2.36 -23.08 -1.63
C SER A 273 -2.14 -22.17 -0.43
N CYS A 274 -2.87 -21.06 -0.37
CA CYS A 274 -2.77 -20.16 0.77
C CYS A 274 -3.19 -20.85 2.06
N ALA A 275 -4.22 -21.70 1.99
CA ALA A 275 -4.66 -22.42 3.19
C ALA A 275 -3.56 -23.34 3.69
N GLN A 276 -2.87 -24.04 2.78
CA GLN A 276 -1.77 -24.89 3.20
C GLN A 276 -0.62 -24.05 3.76
N GLU A 277 -0.33 -22.91 3.15
CA GLU A 277 0.74 -22.06 3.65
C GLU A 277 0.44 -21.57 5.06
N MET A 278 -0.81 -21.15 5.31
CA MET A 278 -1.17 -20.66 6.64
C MET A 278 -1.22 -21.80 7.66
N ALA A 279 -1.62 -23.00 7.24
CA ALA A 279 -1.57 -24.16 8.13
C ALA A 279 -0.14 -24.46 8.54
N LYS A 280 0.78 -24.47 7.57
CA LYS A 280 2.20 -24.66 7.87
C LYS A 280 2.70 -23.56 8.80
N PHE A 281 2.24 -22.33 8.60
CA PHE A 281 2.70 -21.23 9.44
C PHE A 281 2.23 -21.40 10.89
N ILE A 282 0.94 -21.68 11.08
CA ILE A 282 0.42 -21.74 12.44
C ILE A 282 0.90 -22.99 13.16
N SER A 283 1.18 -24.07 12.42
CA SER A 283 1.77 -25.25 13.05
C SER A 283 3.20 -25.00 13.52
N LYS A 284 3.86 -23.97 12.99
CA LYS A 284 5.21 -23.62 13.40
C LYS A 284 5.24 -22.35 14.25
N ASN A 285 4.08 -21.76 14.56
CA ASN A 285 4.00 -20.57 15.41
C ASN A 285 2.93 -20.83 16.47
N LYS A 286 3.29 -21.64 17.45
CA LYS A 286 2.42 -22.06 18.55
C LYS A 286 1.82 -20.88 19.33
N HIS A 287 2.49 -19.73 19.39
CA HIS A 287 2.04 -18.60 20.19
C HIS A 287 0.90 -17.81 19.55
N VAL A 288 0.44 -18.22 18.36
CA VAL A 288 -0.53 -17.45 17.58
C VAL A 288 -1.75 -18.33 17.30
N SER A 289 -2.93 -17.86 17.68
CA SER A 289 -4.20 -18.50 17.36
C SER A 289 -4.88 -17.71 16.25
N LEU A 290 -5.08 -18.33 15.10
CA LEU A 290 -5.56 -17.66 13.90
C LEU A 290 -7.07 -17.81 13.77
N CYS A 291 -7.76 -16.69 13.61
CA CYS A 291 -9.19 -16.66 13.25
C CYS A 291 -9.31 -16.13 11.83
N ILE A 292 -10.11 -16.80 11.01
CA ILE A 292 -10.37 -16.41 9.63
C ILE A 292 -11.87 -16.18 9.51
N LYS A 293 -12.27 -14.93 9.29
CA LYS A 293 -13.66 -14.59 9.02
C LYS A 293 -13.75 -14.03 7.61
N THR A 294 -14.46 -14.74 6.74
CA THR A 294 -14.53 -14.41 5.33
C THR A 294 -15.94 -13.97 4.95
N ALA A 295 -16.01 -13.00 4.03
CA ALA A 295 -17.29 -12.56 3.48
C ALA A 295 -17.82 -13.55 2.45
N ARG A 296 -16.95 -14.07 1.60
CA ARG A 296 -17.32 -15.05 0.59
C ARG A 296 -16.40 -16.27 0.67
N ILE A 297 -16.96 -17.42 0.37
CA ILE A 297 -16.19 -18.66 0.24
C ILE A 297 -15.70 -18.74 -1.20
N TYR A 298 -14.39 -18.60 -1.39
CA TYR A 298 -13.78 -18.79 -2.70
C TYR A 298 -13.59 -20.29 -2.92
N ASP A 299 -14.36 -20.84 -3.87
CA ASP A 299 -14.37 -22.29 -4.09
C ASP A 299 -13.07 -22.82 -4.66
N ASP A 300 -12.27 -21.97 -5.32
CA ASP A 300 -10.95 -22.35 -5.84
C ASP A 300 -11.06 -23.59 -6.73
N LYS A 301 -12.00 -23.55 -7.67
CA LYS A 301 -12.21 -24.62 -8.65
C LYS A 301 -12.45 -25.97 -7.98
N GLY A 302 -13.04 -25.97 -6.77
CA GLY A 302 -13.34 -27.20 -6.06
C GLY A 302 -12.27 -27.69 -5.12
N ARG A 303 -11.13 -27.00 -5.04
CA ARG A 303 -10.04 -27.40 -4.16
C ARG A 303 -10.09 -26.74 -2.80
N ALA A 304 -11.05 -25.84 -2.55
CA ALA A 304 -10.98 -25.00 -1.37
C ALA A 304 -11.47 -25.70 -0.11
N ALA A 305 -12.48 -26.57 -0.22
CA ALA A 305 -13.00 -27.25 0.96
C ALA A 305 -11.91 -28.05 1.66
N GLU A 306 -11.09 -28.77 0.89
CA GLU A 306 -10.00 -29.53 1.48
C GLU A 306 -9.01 -28.61 2.19
N GLY A 307 -8.69 -27.47 1.57
CA GLY A 307 -7.78 -26.53 2.20
C GLY A 307 -8.33 -25.96 3.50
N LEU A 308 -9.62 -25.60 3.51
CA LEU A 308 -10.24 -25.11 4.73
C LEU A 308 -10.24 -26.17 5.82
N ARG A 309 -10.50 -27.43 5.45
CA ARG A 309 -10.46 -28.49 6.44
C ARG A 309 -9.04 -28.69 6.97
N THR A 310 -8.04 -28.62 6.09
CA THR A 310 -6.64 -28.69 6.53
C THR A 310 -6.33 -27.57 7.52
N LEU A 311 -6.71 -26.35 7.17
CA LEU A 311 -6.40 -25.19 8.00
C LEU A 311 -7.12 -25.26 9.34
N ALA A 312 -8.34 -25.81 9.36
CA ALA A 312 -9.06 -25.97 10.62
C ALA A 312 -8.40 -27.04 11.48
N GLU A 313 -7.97 -28.14 10.85
CA GLU A 313 -7.24 -29.19 11.56
C GLU A 313 -6.00 -28.63 12.24
N ALA A 314 -5.32 -27.67 11.60
CA ALA A 314 -4.13 -27.09 12.19
C ALA A 314 -4.45 -26.11 13.32
N GLY A 315 -5.72 -25.89 13.63
CA GLY A 315 -6.11 -25.08 14.76
C GLY A 315 -6.79 -23.77 14.42
N ALA A 316 -6.86 -23.39 13.14
CA ALA A 316 -7.45 -22.10 12.80
C ALA A 316 -8.96 -22.14 12.91
N LYS A 317 -9.53 -21.00 13.29
CA LYS A 317 -10.98 -20.85 13.48
C LYS A 317 -11.56 -20.13 12.27
N ILE A 318 -12.24 -20.88 11.40
CA ILE A 318 -12.77 -20.35 10.15
C ILE A 318 -14.26 -20.10 10.34
N SER A 319 -14.71 -18.88 10.04
CA SER A 319 -16.08 -18.48 10.23
C SER A 319 -16.52 -17.60 9.07
N ILE A 320 -17.81 -17.30 9.01
CA ILE A 320 -18.38 -16.45 7.97
C ILE A 320 -18.74 -15.11 8.59
N MET A 321 -18.37 -14.03 7.91
CA MET A 321 -18.65 -12.70 8.45
C MET A 321 -20.15 -12.44 8.49
N THR A 322 -20.62 -11.94 9.63
CA THR A 322 -21.99 -11.50 9.83
C THR A 322 -22.05 -9.98 9.81
N TYR A 323 -23.27 -9.45 9.99
CA TYR A 323 -23.45 -8.00 9.99
C TYR A 323 -22.52 -7.34 11.01
N SER A 324 -22.30 -7.99 12.15
CA SER A 324 -21.42 -7.44 13.18
C SER A 324 -20.00 -7.26 12.65
N GLU A 325 -19.48 -8.25 11.92
CA GLU A 325 -18.10 -8.16 11.43
C GLU A 325 -17.98 -7.13 10.31
N PHE A 326 -18.96 -7.09 9.40
CA PHE A 326 -18.95 -6.08 8.36
C PHE A 326 -18.98 -4.68 8.96
N LYS A 327 -19.87 -4.46 9.93
CA LYS A 327 -19.95 -3.18 10.61
C LYS A 327 -18.64 -2.86 11.32
N HIS A 328 -18.03 -3.85 11.96
CA HIS A 328 -16.79 -3.64 12.67
C HIS A 328 -15.68 -3.19 11.71
N CYS A 329 -15.51 -3.89 10.58
CA CYS A 329 -14.47 -3.49 9.64
C CYS A 329 -14.79 -2.18 8.95
N TRP A 330 -16.07 -1.85 8.76
CA TRP A 330 -16.40 -0.52 8.25
C TRP A 330 -15.95 0.55 9.22
N ASP A 331 -16.27 0.37 10.51
CA ASP A 331 -15.91 1.37 11.51
C ASP A 331 -14.39 1.47 11.69
N THR A 332 -13.68 0.35 11.53
CA THR A 332 -12.27 0.24 11.90
C THR A 332 -11.30 0.53 10.76
N PHE A 333 -11.63 0.14 9.52
CA PHE A 333 -10.67 0.21 8.42
C PHE A 333 -11.10 1.06 7.25
N VAL A 334 -12.29 1.66 7.29
CA VAL A 334 -12.86 2.38 6.15
C VAL A 334 -12.90 3.86 6.47
N ASP A 335 -12.49 4.68 5.50
CA ASP A 335 -12.54 6.14 5.62
C ASP A 335 -14.00 6.59 5.51
N HIS A 336 -14.74 6.40 6.59
CA HIS A 336 -16.17 6.71 6.60
C HIS A 336 -16.48 8.14 7.03
N GLN A 337 -15.59 8.78 7.78
CA GLN A 337 -15.80 10.15 8.28
C GLN A 337 -17.12 10.26 9.03
N GLY A 338 -17.37 9.30 9.93
CA GLY A 338 -18.55 9.33 10.77
C GLY A 338 -19.77 8.60 10.21
N ALA A 339 -19.80 8.35 8.91
CA ALA A 339 -20.96 7.70 8.32
C ALA A 339 -21.15 6.30 8.91
N PRO A 340 -22.38 5.88 9.16
CA PRO A 340 -22.63 4.53 9.64
C PRO A 340 -22.51 3.51 8.52
N PHE A 341 -22.29 2.26 8.91
CA PHE A 341 -22.26 1.17 7.93
C PHE A 341 -23.67 0.95 7.37
N GLN A 342 -23.78 0.99 6.04
CA GLN A 342 -25.05 0.79 5.34
C GLN A 342 -25.05 -0.60 4.70
N PRO A 343 -25.67 -1.60 5.31
CA PRO A 343 -25.62 -2.96 4.75
C PRO A 343 -26.33 -3.08 3.42
N TRP A 344 -25.80 -3.95 2.57
CA TRP A 344 -26.42 -4.25 1.28
C TRP A 344 -27.57 -5.24 1.46
N ASP A 345 -28.40 -5.34 0.43
CA ASP A 345 -29.58 -6.20 0.49
C ASP A 345 -29.16 -7.66 0.59
N GLY A 346 -29.87 -8.41 1.43
CA GLY A 346 -29.61 -9.83 1.56
C GLY A 346 -28.35 -10.19 2.31
N LEU A 347 -27.74 -9.23 3.02
CA LEU A 347 -26.52 -9.51 3.76
C LEU A 347 -26.71 -10.69 4.71
N ASP A 348 -27.74 -10.62 5.55
CA ASP A 348 -27.96 -11.67 6.55
C ASP A 348 -28.23 -13.01 5.90
N GLU A 349 -29.04 -13.01 4.84
CA GLU A 349 -29.40 -14.26 4.18
C GLU A 349 -28.17 -14.91 3.58
N HIS A 350 -27.39 -14.14 2.82
CA HIS A 350 -26.14 -14.64 2.26
C HIS A 350 -25.20 -15.13 3.36
N SER A 351 -25.12 -14.38 4.47
CA SER A 351 -24.28 -14.77 5.57
C SER A 351 -24.70 -16.12 6.15
N GLN A 352 -25.99 -16.33 6.45
CA GLN A 352 -26.41 -17.59 7.06
C GLN A 352 -26.30 -18.75 6.08
N ASP A 353 -26.56 -18.51 4.78
CA ASP A 353 -26.35 -19.57 3.80
C ASP A 353 -24.88 -19.97 3.73
N LEU A 354 -23.98 -18.98 3.69
CA LEU A 354 -22.56 -19.29 3.66
C LEU A 354 -22.11 -19.99 4.94
N SER A 355 -22.72 -19.63 6.08
CA SER A 355 -22.40 -20.33 7.32
C SER A 355 -22.81 -21.80 7.23
N GLY A 356 -23.98 -22.07 6.65
CA GLY A 356 -24.40 -23.45 6.44
C GLY A 356 -23.46 -24.21 5.52
N ARG A 357 -23.04 -23.57 4.42
CA ARG A 357 -22.14 -24.24 3.48
C ARG A 357 -20.77 -24.48 4.10
N LEU A 358 -20.25 -23.52 4.86
CA LEU A 358 -18.97 -23.73 5.55
C LEU A 358 -19.09 -24.84 6.59
N ARG A 359 -20.23 -24.91 7.27
CA ARG A 359 -20.46 -26.01 8.21
C ARG A 359 -20.42 -27.35 7.49
N ALA A 360 -21.10 -27.46 6.35
CA ALA A 360 -21.04 -28.69 5.57
C ALA A 360 -19.62 -29.01 5.11
N ILE A 361 -18.84 -27.97 4.80
CA ILE A 361 -17.46 -28.19 4.36
C ILE A 361 -16.61 -28.73 5.50
N LEU A 362 -16.67 -28.09 6.67
CA LEU A 362 -15.78 -28.45 7.77
C LEU A 362 -16.09 -29.84 8.34
N GLN A 363 -17.36 -30.23 8.35
CA GLN A 363 -17.74 -31.58 8.78
C GLN A 363 -17.54 -32.63 7.69
N ASN A 364 -16.92 -32.25 6.56
CA ASN A 364 -16.65 -33.12 5.43
C ASN A 364 -17.93 -33.66 4.79
N GLN A 365 -18.53 -32.88 3.90
CA GLN A 365 -19.67 -33.34 3.09
C GLN A 365 -19.57 -32.84 1.65
ZN ZN C . -4.47 -17.88 -2.41
CL CL D . -6.56 -16.54 -2.02
C1 GOL E . -29.07 -8.02 11.33
O1 GOL E . -28.42 -8.03 12.58
C2 GOL E . -29.29 -6.61 10.83
O2 GOL E . -28.59 -6.36 9.62
C3 GOL E . -28.90 -5.55 11.82
O3 GOL E . -29.10 -4.29 11.22
#